data_7TH3
#
_entry.id   7TH3
#
_cell.length_a   38.337
_cell.length_b   67.113
_cell.length_c   68.100
_cell.angle_alpha   90.000
_cell.angle_beta   91.060
_cell.angle_gamma   90.000
#
_symmetry.space_group_name_H-M   'P 1 21 1'
#
loop_
_entity.id
_entity.type
_entity.pdbx_description
1 polymer 'Ricin chain A'
2 polymer 'VHH antibody'
3 water water
#
loop_
_entity_poly.entity_id
_entity_poly.type
_entity_poly.pdbx_seq_one_letter_code
_entity_poly.pdbx_strand_id
1 'polypeptide(L)'
;IFPKQYPIINFTTAGATVQSYTNFIRAVRGRLTTGADVRHEIPVLPNRVGLPINQRFILVELSNHAELSVTLALDVTNAY
VVGYRAGNSAYFFHPDNQEDAEAITHLFTDVQNRYTFAFGGNYDRLEQLAGNLRENIELGNGPLEEAISALYYYSTGGTQ
LPTLARSFIICIQMISEAARFQYIEGEMRTRIRYNRRSAPDPSVITLENSWGRLSTAIQESNQGAFASPIQLQRRNGSKF
SVYDVSILIPIIALMVYRCAPPPSSQF
;
A
2 'polypeptide(L)'
;QVQLVETGGGSVQAGDSLTLSCAASERIFSHYAMGWYRQVPGKEREPVAALRLKGTETNYADSVEGRFTISRDNAKNTMY
LRMSSLKPEDTAVYYCAAGSYAAILYAPSYWGQGTQVTVSSEPKTPKPQ
;
B
#
# COMPACT_ATOMS: atom_id res chain seq x y z
N GLN A 5 -8.47 20.29 2.92
CA GLN A 5 -8.71 19.17 3.83
C GLN A 5 -7.88 17.95 3.44
N TYR A 6 -7.66 17.06 4.40
CA TYR A 6 -6.87 15.87 4.13
C TYR A 6 -7.77 14.69 3.73
N PRO A 7 -7.23 13.74 2.97
CA PRO A 7 -8.02 12.56 2.61
C PRO A 7 -8.33 11.70 3.82
N ILE A 8 -9.51 11.09 3.81
CA ILE A 8 -9.98 10.24 4.89
C ILE A 8 -10.32 8.87 4.33
N ILE A 9 -9.87 7.82 5.00
CA ILE A 9 -10.19 6.45 4.63
C ILE A 9 -10.95 5.82 5.80
N ASN A 10 -12.09 5.21 5.49
CA ASN A 10 -12.99 4.69 6.53
C ASN A 10 -12.80 3.21 6.74
N PHE A 11 -12.86 2.79 8.00
CA PHE A 11 -12.85 1.37 8.34
C PHE A 11 -13.54 1.17 9.67
N THR A 12 -14.24 0.05 9.78
CA THR A 12 -14.88 -0.37 11.02
C THR A 12 -14.56 -1.84 11.27
N THR A 13 -14.30 -2.17 12.52
CA THR A 13 -14.11 -3.55 12.94
C THR A 13 -15.43 -4.29 13.11
N ALA A 14 -16.56 -3.62 12.89
CA ALA A 14 -17.88 -4.25 13.03
C ALA A 14 -18.23 -4.95 11.72
N GLY A 15 -18.02 -6.27 11.68
CA GLY A 15 -18.24 -7.06 10.49
C GLY A 15 -17.03 -7.15 9.58
N ALA A 16 -15.88 -6.66 10.03
CA ALA A 16 -14.66 -6.69 9.23
C ALA A 16 -14.39 -8.09 8.69
N THR A 17 -14.34 -8.19 7.37
CA THR A 17 -13.97 -9.42 6.69
C THR A 17 -12.62 -9.22 6.02
N VAL A 18 -12.06 -10.33 5.50
CA VAL A 18 -10.81 -10.23 4.76
C VAL A 18 -10.97 -9.30 3.58
N GLN A 19 -12.17 -9.25 2.98
CA GLN A 19 -12.42 -8.37 1.86
C GLN A 19 -12.38 -6.90 2.28
N SER A 20 -13.13 -6.55 3.33
CA SER A 20 -13.24 -5.15 3.71
C SER A 20 -11.91 -4.62 4.25
N TYR A 21 -11.23 -5.41 5.08
CA TYR A 21 -9.92 -5.02 5.58
C TYR A 21 -8.91 -4.90 4.45
N THR A 22 -8.97 -5.83 3.48
CA THR A 22 -8.07 -5.74 2.33
C THR A 22 -8.30 -4.47 1.54
N ASN A 23 -9.55 -4.20 1.16
CA ASN A 23 -9.85 -2.97 0.43
C ASN A 23 -9.47 -1.72 1.22
N PHE A 24 -9.61 -1.78 2.55
CA PHE A 24 -9.20 -0.66 3.39
C PHE A 24 -7.69 -0.42 3.28
N ILE A 25 -6.89 -1.48 3.44
CA ILE A 25 -5.43 -1.31 3.37
C ILE A 25 -5.03 -0.83 1.98
N ARG A 26 -5.66 -1.37 0.94
CA ARG A 26 -5.32 -0.95 -0.42
C ARG A 26 -5.67 0.51 -0.67
N ALA A 27 -6.78 0.99 -0.07
CA ALA A 27 -7.10 2.41 -0.18
C ALA A 27 -6.10 3.27 0.58
N VAL A 28 -5.65 2.80 1.75
CA VAL A 28 -4.63 3.53 2.50
C VAL A 28 -3.36 3.67 1.67
N ARG A 29 -2.88 2.56 1.10
CA ARG A 29 -1.72 2.63 0.21
C ARG A 29 -1.98 3.59 -0.93
N GLY A 30 -3.16 3.51 -1.55
CA GLY A 30 -3.49 4.39 -2.66
C GLY A 30 -3.34 5.86 -2.30
N ARG A 31 -3.76 6.23 -1.08
CA ARG A 31 -3.59 7.61 -0.67
C ARG A 31 -2.21 7.93 -0.14
N LEU A 32 -1.37 6.93 0.14
CA LEU A 32 -0.02 7.23 0.61
C LEU A 32 0.90 7.62 -0.54
N THR A 33 0.81 6.92 -1.68
CA THR A 33 1.64 7.20 -2.84
C THR A 33 0.76 7.48 -4.05
N THR A 34 1.17 8.47 -4.85
CA THR A 34 0.52 8.71 -6.13
C THR A 34 0.81 7.57 -7.10
N GLY A 35 1.93 6.88 -6.93
CA GLY A 35 2.39 5.90 -7.88
C GLY A 35 3.32 6.43 -8.94
N ALA A 36 3.84 7.64 -8.76
CA ALA A 36 4.67 8.30 -9.76
C ALA A 36 6.15 8.02 -9.59
N ASP A 37 6.56 7.38 -8.48
CA ASP A 37 7.96 7.11 -8.20
C ASP A 37 8.14 5.65 -7.83
N VAL A 38 7.82 4.76 -8.78
CA VAL A 38 7.93 3.33 -8.58
C VAL A 38 9.32 2.88 -9.01
N ARG A 39 10.01 2.15 -8.14
CA ARG A 39 11.33 1.61 -8.43
C ARG A 39 11.32 0.13 -8.09
N HIS A 40 11.63 -0.71 -9.09
CA HIS A 40 11.66 -2.16 -8.94
C HIS A 40 10.32 -2.70 -8.45
N GLU A 41 9.24 -2.23 -9.09
CA GLU A 41 7.86 -2.61 -8.78
C GLU A 41 7.46 -2.23 -7.36
N ILE A 42 8.22 -1.35 -6.71
CA ILE A 42 7.94 -0.93 -5.34
C ILE A 42 7.77 0.58 -5.32
N PRO A 43 6.65 1.12 -4.85
CA PRO A 43 6.47 2.57 -4.83
C PRO A 43 7.30 3.21 -3.72
N VAL A 44 7.88 4.36 -4.05
CA VAL A 44 8.62 5.17 -3.09
C VAL A 44 7.70 6.27 -2.58
N LEU A 45 7.56 6.36 -1.26
CA LEU A 45 6.78 7.44 -0.66
C LEU A 45 7.41 8.79 -1.00
N PRO A 46 6.60 9.84 -1.15
CA PRO A 46 7.12 11.12 -1.67
C PRO A 46 8.16 11.71 -0.73
N ASN A 47 9.04 12.53 -1.33
CA ASN A 47 10.10 13.17 -0.58
C ASN A 47 9.54 14.13 0.46
N ARG A 48 10.15 14.15 1.64
CA ARG A 48 9.69 15.02 2.70
C ARG A 48 10.00 16.49 2.42
N VAL A 49 11.14 16.76 1.77
CA VAL A 49 11.72 18.09 1.77
C VAL A 49 10.79 19.09 1.06
N GLY A 50 10.46 18.82 -0.20
CA GLY A 50 9.67 19.76 -0.96
C GLY A 50 8.17 19.61 -0.83
N LEU A 51 7.68 18.79 0.08
CA LEU A 51 6.26 18.46 0.11
C LEU A 51 5.47 19.57 0.79
N PRO A 52 4.45 20.13 0.13
CA PRO A 52 3.59 21.11 0.80
C PRO A 52 2.77 20.44 1.90
N ILE A 53 2.49 21.22 2.95
CA ILE A 53 1.78 20.69 4.12
C ILE A 53 0.42 20.15 3.72
N ASN A 54 -0.21 20.76 2.71
CA ASN A 54 -1.51 20.30 2.22
C ASN A 54 -1.46 18.91 1.58
N GLN A 55 -0.28 18.28 1.51
CA GLN A 55 -0.16 16.91 1.04
C GLN A 55 0.63 16.04 2.01
N ARG A 56 0.80 16.48 3.26
CA ARG A 56 1.69 15.81 4.20
C ARG A 56 1.03 14.69 4.98
N PHE A 57 -0.29 14.70 5.14
CA PHE A 57 -0.94 13.78 6.06
C PHE A 57 -2.15 13.09 5.43
N ILE A 58 -2.48 11.95 6.02
CA ILE A 58 -3.64 11.15 5.67
C ILE A 58 -4.42 10.87 6.95
N LEU A 59 -5.73 10.74 6.83
CA LEU A 59 -6.59 10.48 7.98
C LEU A 59 -7.26 9.12 7.83
N VAL A 60 -7.28 8.35 8.91
CA VAL A 60 -7.87 7.03 8.94
C VAL A 60 -8.92 7.01 10.04
N GLU A 61 -10.19 6.85 9.66
CA GLU A 61 -11.30 6.85 10.61
C GLU A 61 -11.66 5.41 10.96
N LEU A 62 -11.42 5.03 12.21
CA LEU A 62 -11.79 3.73 12.74
C LEU A 62 -13.09 3.84 13.53
N SER A 63 -13.93 2.80 13.41
CA SER A 63 -15.20 2.75 14.14
C SER A 63 -15.41 1.35 14.71
N ASN A 64 -16.30 1.25 15.71
CA ASN A 64 -16.66 -0.05 16.27
C ASN A 64 -18.01 -0.07 17.01
N HIS A 65 -18.09 0.49 18.22
CA HIS A 65 -19.13 0.06 19.19
C HIS A 65 -19.94 1.18 19.82
N GLU A 67 -21.09 3.42 18.28
CA GLU A 67 -20.09 3.23 17.21
C GLU A 67 -18.99 4.23 17.33
N LEU A 68 -18.18 4.04 18.36
CA LEU A 68 -17.12 4.99 18.65
C LEU A 68 -16.18 5.09 17.46
N SER A 69 -15.78 6.31 17.16
CA SER A 69 -14.89 6.55 16.04
C SER A 69 -13.71 7.38 16.51
N VAL A 70 -12.55 7.09 15.91
CA VAL A 70 -11.30 7.78 16.20
C VAL A 70 -10.60 8.01 14.86
N THR A 71 -9.96 9.16 14.71
CA THR A 71 -9.30 9.50 13.46
C THR A 71 -7.79 9.54 13.68
N LEU A 72 -7.10 8.51 13.22
CA LEU A 72 -5.65 8.48 13.23
C LEU A 72 -5.09 9.38 12.14
N ALA A 73 -3.97 10.03 12.44
CA ALA A 73 -3.23 10.83 11.47
C ALA A 73 -1.98 10.07 11.07
N LEU A 74 -1.87 9.73 9.79
CA LEU A 74 -0.72 9.04 9.24
C LEU A 74 0.13 10.03 8.44
N ASP A 75 1.44 9.98 8.66
CA ASP A 75 2.36 10.80 7.89
C ASP A 75 2.57 10.19 6.51
N VAL A 76 2.38 11.01 5.48
CA VAL A 76 2.48 10.53 4.10
C VAL A 76 3.90 10.04 3.80
N THR A 77 4.91 10.71 4.37
CA THR A 77 6.29 10.44 3.99
C THR A 77 6.81 9.11 4.54
N ASN A 78 6.16 8.53 5.55
CA ASN A 78 6.61 7.26 6.09
C ASN A 78 5.46 6.34 6.51
N ALA A 79 4.22 6.67 6.15
CA ALA A 79 3.04 5.85 6.43
C ALA A 79 2.80 5.61 7.92
N TYR A 80 3.41 6.41 8.79
CA TYR A 80 3.40 6.14 10.21
C TYR A 80 2.40 7.04 10.93
N VAL A 81 1.85 6.53 12.04
CA VAL A 81 0.88 7.27 12.82
C VAL A 81 1.60 8.33 13.65
N VAL A 82 1.03 9.53 13.72
CA VAL A 82 1.65 10.63 14.45
C VAL A 82 0.74 11.11 15.57
N GLY A 83 -0.56 10.93 15.41
CA GLY A 83 -1.51 11.35 16.43
C GLY A 83 -2.89 10.81 16.12
N TYR A 84 -3.87 11.24 16.91
CA TYR A 84 -5.24 10.82 16.68
C TYR A 84 -6.20 11.80 17.32
N ARG A 85 -7.45 11.75 16.85
CA ARG A 85 -8.51 12.64 17.29
C ARG A 85 -9.68 11.79 17.80
N ALA A 86 -10.17 12.15 18.98
CA ALA A 86 -11.39 11.56 19.55
C ALA A 86 -12.24 12.69 20.07
N GLY A 87 -13.48 12.77 19.60
CA GLY A 87 -14.36 13.84 20.04
C GLY A 87 -13.78 15.20 19.73
N ASN A 88 -13.68 16.04 20.76
CA ASN A 88 -13.11 17.38 20.63
C ASN A 88 -11.66 17.43 21.12
N SER A 89 -11.01 16.28 21.27
CA SER A 89 -9.63 16.23 21.75
C SER A 89 -8.74 15.56 20.71
N ALA A 90 -7.47 15.98 20.69
CA ALA A 90 -6.48 15.43 19.79
C ALA A 90 -5.19 15.22 20.56
N TYR A 91 -4.48 14.15 20.23
CA TYR A 91 -3.25 13.78 20.93
C TYR A 91 -2.18 13.43 19.89
N PHE A 92 -1.00 14.03 20.03
CA PHE A 92 0.07 13.86 19.06
C PHE A 92 1.33 13.30 19.72
N PHE A 93 2.17 12.70 18.88
CA PHE A 93 3.47 12.23 19.32
C PHE A 93 4.50 13.36 19.28
N HIS A 94 5.52 13.22 20.12
CA HIS A 94 6.57 14.24 20.25
C HIS A 94 7.34 14.37 18.93
N PRO A 95 7.33 15.54 18.30
CA PRO A 95 8.09 15.71 17.05
C PRO A 95 9.58 15.76 17.31
N ASP A 96 10.35 15.41 16.27
CA ASP A 96 11.79 15.31 16.38
C ASP A 96 12.53 16.40 15.61
N ASN A 97 11.81 17.37 15.05
CA ASN A 97 12.39 18.61 14.55
C ASN A 97 11.34 19.70 14.69
N GLN A 98 11.43 20.74 13.85
CA GLN A 98 10.51 21.88 13.92
C GLN A 98 9.46 21.87 12.82
N GLU A 99 9.85 21.44 11.61
CA GLU A 99 8.93 21.49 10.47
C GLU A 99 7.77 20.50 10.65
N ASP A 100 8.05 19.30 11.16
CA ASP A 100 6.98 18.35 11.43
C ASP A 100 6.04 18.87 12.51
N ALA A 101 6.55 19.62 13.49
CA ALA A 101 5.67 20.21 14.50
C ALA A 101 4.73 21.23 13.87
N GLU A 102 5.30 22.14 13.06
CA GLU A 102 4.46 23.06 12.29
C GLU A 102 3.42 22.31 11.47
N ALA A 103 3.80 21.17 10.89
CA ALA A 103 2.85 20.37 10.12
C ALA A 103 1.79 19.76 11.03
N ILE A 104 2.17 19.36 12.24
CA ILE A 104 1.23 18.79 13.19
C ILE A 104 0.13 19.81 13.51
N THR A 105 0.51 21.09 13.63
CA THR A 105 -0.49 22.11 13.94
C THR A 105 -1.58 22.21 12.88
N HIS A 106 -1.43 21.56 11.73
CA HIS A 106 -2.42 21.59 10.66
C HIS A 106 -3.40 20.41 10.71
N LEU A 107 -3.20 19.45 11.62
CA LEU A 107 -3.90 18.18 11.53
C LEU A 107 -5.39 18.29 11.87
N PHE A 108 -5.72 18.53 13.14
CA PHE A 108 -7.10 18.61 13.58
C PHE A 108 -7.33 20.03 14.12
N THR A 109 -7.51 20.97 13.20
CA THR A 109 -7.50 22.39 13.57
C THR A 109 -8.75 22.83 14.32
N ASP A 110 -9.84 22.07 14.24
CA ASP A 110 -11.11 22.48 14.82
C ASP A 110 -11.42 21.75 16.13
N VAL A 111 -10.43 21.12 16.75
CA VAL A 111 -10.63 20.51 18.06
C VAL A 111 -10.35 21.55 19.13
N GLN A 112 -10.94 21.35 20.31
CA GLN A 112 -10.75 22.28 21.40
C GLN A 112 -9.42 22.05 22.12
N ASN A 113 -9.06 20.80 22.36
CA ASN A 113 -7.91 20.45 23.17
C ASN A 113 -6.86 19.74 22.32
N ARG A 114 -5.65 20.28 22.33
CA ARG A 114 -4.50 19.68 21.65
C ARG A 114 -3.42 19.41 22.68
N TYR A 115 -2.98 18.17 22.77
CA TYR A 115 -1.93 17.77 23.70
C TYR A 115 -0.95 16.88 22.97
N THR A 116 0.34 17.23 23.05
CA THR A 116 1.39 16.42 22.45
C THR A 116 2.07 15.64 23.57
N PHE A 117 2.06 14.31 23.45
CA PHE A 117 2.77 13.48 24.40
C PHE A 117 4.25 13.86 24.44
N ALA A 118 4.85 13.75 25.62
CA ALA A 118 6.27 14.04 25.75
C ALA A 118 7.15 13.03 25.04
N PHE A 119 6.60 11.89 24.65
CA PHE A 119 7.35 10.79 24.06
C PHE A 119 7.08 10.68 22.56
N GLY A 120 8.03 10.12 21.84
CA GLY A 120 7.88 9.88 20.42
C GLY A 120 7.06 8.64 20.13
N GLY A 121 6.83 8.41 18.83
CA GLY A 121 5.99 7.30 18.41
C GLY A 121 6.70 6.01 18.07
N ASN A 122 8.03 6.01 18.11
CA ASN A 122 8.79 4.82 17.74
C ASN A 122 8.44 3.64 18.63
N TYR A 123 8.81 2.44 18.17
CA TYR A 123 8.43 1.23 18.88
C TYR A 123 9.07 1.16 20.26
N ASP A 124 10.30 1.65 20.40
CA ASP A 124 11.01 1.55 21.68
C ASP A 124 10.22 2.19 22.81
N ARG A 125 9.97 3.51 22.69
CA ARG A 125 9.33 4.24 23.77
C ARG A 125 7.93 3.71 24.06
N LEU A 126 7.17 3.41 23.00
CA LEU A 126 5.82 2.88 23.19
C LEU A 126 5.84 1.52 23.89
N GLU A 127 6.78 0.65 23.50
CA GLU A 127 6.97 -0.62 24.20
C GLU A 127 7.23 -0.38 25.67
N GLN A 128 8.14 0.53 25.99
CA GLN A 128 8.46 0.80 27.39
C GLN A 128 7.25 1.31 28.16
N LEU A 129 6.44 2.16 27.52
CA LEU A 129 5.23 2.67 28.17
C LEU A 129 4.20 1.57 28.37
N ALA A 130 4.12 0.62 27.44
CA ALA A 130 3.06 -0.37 27.44
C ALA A 130 3.32 -1.52 28.41
N GLY A 131 4.52 -1.60 28.99
CA GLY A 131 4.89 -2.74 29.79
C GLY A 131 5.24 -3.99 29.03
N ASN A 132 4.74 -4.14 27.80
CA ASN A 132 5.07 -5.24 26.92
C ASN A 132 5.79 -4.70 25.68
N LEU A 133 6.42 -5.61 24.96
CA LEU A 133 7.01 -5.31 23.66
C LEU A 133 6.24 -6.05 22.57
N ARG A 134 6.58 -5.75 21.32
CA ARG A 134 5.82 -6.27 20.18
C ARG A 134 5.72 -7.79 20.19
N GLU A 135 6.75 -8.48 20.71
CA GLU A 135 6.83 -9.93 20.59
C GLU A 135 5.73 -10.66 21.35
N ASN A 136 5.08 -10.01 22.32
CA ASN A 136 4.08 -10.67 23.14
C ASN A 136 2.69 -10.06 23.04
N ILE A 137 2.53 -8.92 22.39
CA ILE A 137 1.23 -8.26 22.28
C ILE A 137 0.48 -8.83 21.09
N GLU A 138 -0.80 -9.11 21.29
CA GLU A 138 -1.59 -9.79 20.29
C GLU A 138 -2.09 -8.83 19.21
N LEU A 139 -2.24 -9.36 18.00
CA LEU A 139 -2.79 -8.62 16.87
C LEU A 139 -3.98 -9.37 16.30
N GLY A 140 -4.95 -8.61 15.81
CA GLY A 140 -6.17 -9.20 15.27
C GLY A 140 -7.30 -8.20 15.33
N ASN A 141 -8.45 -8.63 14.79
CA ASN A 141 -9.61 -7.75 14.77
C ASN A 141 -10.11 -7.46 16.18
N GLY A 142 -9.94 -8.41 17.10
CA GLY A 142 -10.23 -8.19 18.50
C GLY A 142 -9.37 -7.09 19.10
N PRO A 143 -8.05 -7.27 19.06
CA PRO A 143 -7.16 -6.20 19.55
C PRO A 143 -7.41 -4.85 18.92
N LEU A 144 -7.81 -4.80 17.65
CA LEU A 144 -8.10 -3.52 17.01
C LEU A 144 -9.40 -2.93 17.54
N GLU A 145 -10.44 -3.76 17.64
CA GLU A 145 -11.73 -3.28 18.12
C GLU A 145 -11.64 -2.76 19.54
N GLU A 146 -10.84 -3.42 20.38
CA GLU A 146 -10.63 -2.91 21.73
C GLU A 146 -9.72 -1.68 21.73
N ALA A 147 -8.73 -1.66 20.83
CA ALA A 147 -7.85 -0.51 20.73
C ALA A 147 -8.63 0.75 20.43
N ILE A 148 -9.59 0.68 19.50
CA ILE A 148 -10.39 1.85 19.16
C ILE A 148 -11.09 2.41 20.40
N SER A 149 -11.69 1.52 21.20
CA SER A 149 -12.37 1.97 22.40
C SER A 149 -11.40 2.60 23.40
N ALA A 150 -10.25 1.98 23.60
CA ALA A 150 -9.25 2.56 24.52
C ALA A 150 -8.82 3.95 24.06
N LEU A 151 -8.52 4.10 22.77
CA LEU A 151 -8.14 5.41 22.23
C LEU A 151 -9.24 6.43 22.47
N TYR A 152 -10.49 6.06 22.22
CA TYR A 152 -11.58 7.00 22.40
C TYR A 152 -11.71 7.42 23.87
N TYR A 153 -11.64 6.45 24.78
CA TYR A 153 -11.83 6.75 26.19
C TYR A 153 -10.57 7.24 26.89
N TYR A 154 -9.48 7.46 26.16
CA TYR A 154 -8.37 8.21 26.75
C TYR A 154 -8.75 9.67 26.95
N SER A 155 -9.40 10.28 25.95
CA SER A 155 -9.85 11.65 26.09
C SER A 155 -10.98 11.77 27.11
N THR A 156 -11.75 10.70 27.29
CA THR A 156 -12.79 10.70 28.32
C THR A 156 -12.17 10.62 29.71
N GLY A 157 -11.05 9.93 29.85
CA GLY A 157 -10.34 9.87 31.11
C GLY A 157 -10.25 8.49 31.73
N GLY A 158 -10.61 7.45 30.97
CA GLY A 158 -10.62 6.11 31.50
C GLY A 158 -9.35 5.32 31.25
N THR A 159 -8.85 5.36 30.02
CA THR A 159 -7.69 4.56 29.64
C THR A 159 -6.41 5.14 30.24
N GLN A 160 -5.50 4.23 30.63
CA GLN A 160 -4.20 4.59 31.18
C GLN A 160 -3.12 4.39 30.12
N LEU A 161 -1.89 4.83 30.48
CA LEU A 161 -0.82 4.89 29.48
C LEU A 161 -0.39 3.50 28.98
N PRO A 162 -0.13 2.51 29.84
CA PRO A 162 0.25 1.19 29.30
C PRO A 162 -0.80 0.56 28.41
N THR A 163 -2.06 0.97 28.53
CA THR A 163 -3.09 0.51 27.60
C THR A 163 -3.20 1.41 26.37
N LEU A 164 -2.99 2.72 26.55
CA LEU A 164 -3.02 3.64 25.42
C LEU A 164 -1.92 3.33 24.42
N ALA A 165 -0.69 3.17 24.90
CA ALA A 165 0.43 2.89 24.00
C ALA A 165 0.34 1.48 23.42
N ARG A 166 -0.23 0.53 24.16
CA ARG A 166 -0.46 -0.80 23.59
C ARG A 166 -1.44 -0.73 22.44
N SER A 167 -2.56 -0.02 22.64
CA SER A 167 -3.46 0.21 21.52
C SER A 167 -2.77 0.95 20.39
N PHE A 168 -1.79 1.81 20.72
CA PHE A 168 -1.04 2.51 19.68
C PHE A 168 -0.22 1.55 18.84
N ILE A 169 0.54 0.65 19.46
CA ILE A 169 1.33 -0.29 18.67
C ILE A 169 0.43 -1.26 17.91
N ILE A 170 -0.75 -1.57 18.46
CA ILE A 170 -1.69 -2.42 17.75
C ILE A 170 -2.16 -1.73 16.46
N CYS A 171 -2.65 -0.49 16.59
CA CYS A 171 -3.09 0.26 15.41
C CYS A 171 -1.96 0.46 14.41
N ILE A 172 -0.75 0.73 14.91
CA ILE A 172 0.38 0.98 14.04
C ILE A 172 0.72 -0.28 13.24
N GLN A 173 0.66 -1.45 13.88
CA GLN A 173 1.00 -2.67 13.17
C GLN A 173 -0.11 -3.08 12.21
N MET A 174 -1.37 -3.02 12.66
CA MET A 174 -2.47 -3.45 11.79
C MET A 174 -2.82 -2.44 10.72
N ILE A 175 -2.27 -1.22 10.77
CA ILE A 175 -2.60 -0.21 9.78
C ILE A 175 -1.35 0.25 9.05
N SER A 176 -0.42 0.89 9.78
CA SER A 176 0.80 1.41 9.17
C SER A 176 1.64 0.29 8.57
N GLU A 177 1.96 -0.72 9.38
CA GLU A 177 2.86 -1.78 8.89
C GLU A 177 2.16 -2.70 7.91
N ALA A 178 0.84 -2.87 8.06
CA ALA A 178 0.09 -3.60 7.04
C ALA A 178 0.11 -2.84 5.73
N ALA A 179 0.13 -1.50 5.78
CA ALA A 179 0.25 -0.73 4.56
C ALA A 179 1.66 -0.83 3.98
N ARG A 180 2.68 -0.89 4.84
CA ARG A 180 4.06 -0.94 4.36
C ARG A 180 4.38 -2.28 3.72
N PHE A 181 3.80 -3.38 4.21
CA PHE A 181 4.17 -4.72 3.77
C PHE A 181 2.93 -5.52 3.41
N GLN A 182 2.92 -6.07 2.20
CA GLN A 182 1.89 -7.04 1.84
C GLN A 182 1.98 -8.28 2.73
N TYR A 183 3.17 -8.58 3.24
CA TYR A 183 3.35 -9.72 4.13
C TYR A 183 2.51 -9.57 5.40
N ILE A 184 2.68 -8.44 6.09
CA ILE A 184 1.94 -8.20 7.33
C ILE A 184 0.46 -8.05 7.05
N GLU A 185 0.09 -7.37 5.95
CA GLU A 185 -1.31 -7.31 5.57
C GLU A 185 -1.90 -8.71 5.42
N GLY A 186 -1.18 -9.60 4.74
CA GLY A 186 -1.67 -10.95 4.55
C GLY A 186 -1.81 -11.69 5.87
N GLU A 187 -0.85 -11.52 6.77
CA GLU A 187 -0.95 -12.17 8.07
C GLU A 187 -2.17 -11.68 8.85
N MET A 188 -2.46 -10.38 8.76
CA MET A 188 -3.69 -9.86 9.38
C MET A 188 -4.92 -10.41 8.69
N ARG A 189 -4.86 -10.65 7.37
CA ARG A 189 -5.98 -11.28 6.67
C ARG A 189 -6.22 -12.69 7.21
N THR A 190 -5.14 -13.44 7.45
CA THR A 190 -5.32 -14.80 7.98
C THR A 190 -5.79 -14.77 9.42
N ARG A 191 -5.45 -13.74 10.19
CA ARG A 191 -5.98 -13.62 11.54
C ARG A 191 -7.46 -13.28 11.52
N ILE A 192 -7.87 -12.36 10.65
CA ILE A 192 -9.27 -11.97 10.56
C ILE A 192 -10.11 -13.12 10.04
N ARG A 193 -9.59 -13.87 9.07
CA ARG A 193 -10.36 -14.92 8.42
C ARG A 193 -10.74 -16.02 9.41
N TYR A 194 -9.78 -16.47 10.21
CA TYR A 194 -10.01 -17.55 11.16
C TYR A 194 -10.20 -17.04 12.59
N ASN A 195 -10.57 -15.77 12.75
CA ASN A 195 -10.92 -15.18 14.04
C ASN A 195 -9.78 -15.29 15.06
N ARG A 196 -8.55 -15.29 14.58
CA ARG A 196 -7.41 -15.48 15.45
C ARG A 196 -6.86 -14.19 15.98
N ARG A 197 -6.18 -14.29 17.12
CA ARG A 197 -5.59 -13.15 17.81
C ARG A 197 -4.31 -13.65 18.45
N SER A 198 -3.16 -13.17 17.97
CA SER A 198 -1.88 -13.70 18.40
C SER A 198 -0.80 -12.63 18.27
N ALA A 199 0.32 -12.90 18.93
CA ALA A 199 1.46 -11.98 18.84
C ALA A 199 2.14 -12.13 17.48
N PRO A 200 2.67 -11.04 16.92
CA PRO A 200 3.34 -11.13 15.62
C PRO A 200 4.68 -11.84 15.74
N ASP A 201 4.85 -12.89 14.93
CA ASP A 201 6.07 -13.68 14.94
C ASP A 201 7.26 -12.87 14.39
N PRO A 202 8.51 -13.32 14.66
CA PRO A 202 9.69 -12.50 14.35
C PRO A 202 9.84 -12.05 12.91
N SER A 203 9.32 -12.80 11.94
CA SER A 203 9.34 -12.31 10.57
C SER A 203 8.75 -10.91 10.48
N VAL A 204 7.54 -10.74 11.02
CA VAL A 204 6.91 -9.42 11.06
C VAL A 204 7.84 -8.40 11.72
N ILE A 205 8.36 -8.73 12.90
CA ILE A 205 9.04 -7.73 13.73
C ILE A 205 10.34 -7.27 13.09
N THR A 206 11.11 -8.21 12.53
CA THR A 206 12.33 -7.82 11.84
C THR A 206 12.03 -7.06 10.56
N LEU A 207 10.96 -7.41 9.86
CA LEU A 207 10.58 -6.60 8.70
C LEU A 207 10.22 -5.18 9.14
N GLU A 208 9.59 -5.04 10.30
CA GLU A 208 9.27 -3.72 10.82
C GLU A 208 10.54 -2.95 11.16
N ASN A 209 11.51 -3.62 11.77
CA ASN A 209 12.75 -2.95 12.16
C ASN A 209 13.65 -2.66 10.97
N SER A 210 13.40 -3.28 9.82
CA SER A 210 14.30 -3.18 8.66
C SER A 210 13.72 -2.36 7.52
N TRP A 211 12.59 -1.67 7.74
CA TRP A 211 11.92 -0.99 6.63
C TRP A 211 12.80 0.11 6.03
N GLY A 212 13.46 0.90 6.88
CA GLY A 212 14.30 1.98 6.37
C GLY A 212 15.54 1.46 5.67
N ARG A 213 16.21 0.47 6.27
CA ARG A 213 17.39 -0.11 5.64
C ARG A 213 17.04 -0.78 4.32
N LEU A 214 15.88 -1.44 4.26
CA LEU A 214 15.45 -2.03 3.00
C LEU A 214 15.18 -0.96 1.94
N SER A 215 14.56 0.15 2.35
CA SER A 215 14.37 1.26 1.42
C SER A 215 15.70 1.76 0.86
N THR A 216 16.68 1.97 1.75
CA THR A 216 17.98 2.47 1.33
C THR A 216 18.66 1.50 0.37
N ALA A 217 18.71 0.21 0.74
CA ALA A 217 19.39 -0.76 -0.11
C ALA A 217 18.71 -0.91 -1.46
N ILE A 218 17.37 -0.88 -1.48
CA ILE A 218 16.66 -1.06 -2.74
C ILE A 218 16.89 0.14 -3.65
N GLN A 219 16.81 1.35 -3.11
CA GLN A 219 17.03 2.53 -3.93
C GLN A 219 18.49 2.75 -4.29
N GLU A 220 19.41 2.13 -3.55
CA GLU A 220 20.84 2.30 -3.77
C GLU A 220 21.46 1.14 -4.53
N SER A 221 20.66 0.15 -4.93
CA SER A 221 21.18 -1.06 -5.54
C SER A 221 21.71 -0.78 -6.94
N ASN A 222 22.57 -1.68 -7.41
CA ASN A 222 23.12 -1.61 -8.77
C ASN A 222 22.18 -2.36 -9.69
N GLN A 223 21.14 -1.67 -10.15
CA GLN A 223 20.11 -2.26 -11.01
C GLN A 223 19.44 -3.46 -10.32
N GLY A 224 19.24 -3.34 -9.01
CA GLY A 224 18.58 -4.36 -8.22
C GLY A 224 19.50 -5.08 -7.26
N ALA A 225 20.79 -5.18 -7.59
CA ALA A 225 21.74 -5.92 -6.77
C ALA A 225 22.15 -5.07 -5.56
N PHE A 226 21.93 -5.61 -4.37
CA PHE A 226 22.29 -4.89 -3.14
C PHE A 226 23.80 -4.71 -3.06
N ALA A 227 24.22 -3.53 -2.59
CA ALA A 227 25.63 -3.32 -2.28
C ALA A 227 26.05 -4.12 -1.07
N SER A 228 25.20 -4.17 -0.05
CA SER A 228 25.42 -4.97 1.15
C SER A 228 24.21 -5.86 1.39
N PRO A 229 24.43 -7.09 1.87
CA PRO A 229 23.29 -7.98 2.15
C PRO A 229 22.54 -7.52 3.39
N ILE A 230 21.22 -7.71 3.36
CA ILE A 230 20.34 -7.35 4.45
C ILE A 230 19.84 -8.63 5.11
N GLN A 231 19.89 -8.66 6.44
CA GLN A 231 19.51 -9.84 7.21
C GLN A 231 18.05 -9.74 7.62
N LEU A 232 17.30 -10.81 7.41
CA LEU A 232 15.90 -10.90 7.80
C LEU A 232 15.67 -12.23 8.50
N GLN A 233 14.45 -12.42 9.01
CA GLN A 233 14.09 -13.63 9.75
C GLN A 233 12.83 -14.25 9.15
N ARG A 234 12.63 -15.52 9.46
CA ARG A 234 11.40 -16.23 9.12
C ARG A 234 10.54 -16.36 10.38
N ARG A 235 9.68 -17.38 10.42
CA ARG A 235 8.76 -17.53 11.54
C ARG A 235 9.41 -18.21 12.74
N ASN A 236 10.33 -19.15 12.50
CA ASN A 236 11.02 -19.80 13.61
C ASN A 236 12.12 -18.93 14.21
N GLY A 237 12.54 -17.89 13.50
CA GLY A 237 13.60 -17.00 13.96
C GLY A 237 14.92 -17.16 13.24
N SER A 238 15.01 -18.06 12.27
CA SER A 238 16.25 -18.27 11.54
C SER A 238 16.54 -17.11 10.59
N PHE A 240 18.32 -15.04 7.46
CA PHE A 240 18.85 -15.22 6.12
C PHE A 240 19.23 -13.90 5.47
N SER A 241 20.10 -13.95 4.45
CA SER A 241 20.58 -12.77 3.78
C SER A 241 19.88 -12.59 2.44
N VAL A 242 19.51 -11.36 2.14
CA VAL A 242 18.99 -10.98 0.82
C VAL A 242 20.02 -10.08 0.14
N TYR A 243 20.29 -10.37 -1.13
CA TYR A 243 21.27 -9.64 -1.91
C TYR A 243 20.65 -8.93 -3.10
N ASP A 244 19.32 -8.97 -3.21
CA ASP A 244 18.65 -8.51 -4.41
C ASP A 244 17.25 -8.02 -4.04
N VAL A 245 16.67 -7.23 -4.94
CA VAL A 245 15.31 -6.71 -4.74
C VAL A 245 14.24 -7.69 -5.23
N SER A 246 14.64 -8.76 -5.92
CA SER A 246 13.66 -9.67 -6.51
C SER A 246 12.83 -10.38 -5.43
N ILE A 247 13.47 -10.83 -4.36
CA ILE A 247 12.76 -11.58 -3.32
C ILE A 247 11.79 -10.66 -2.57
N LEU A 248 12.10 -9.38 -2.45
CA LEU A 248 11.33 -8.46 -1.63
C LEU A 248 10.13 -7.86 -2.35
N ILE A 249 10.01 -8.05 -3.67
CA ILE A 249 8.92 -7.42 -4.42
C ILE A 249 7.55 -7.84 -3.92
N PRO A 250 7.26 -9.13 -3.65
CA PRO A 250 5.94 -9.46 -3.10
C PRO A 250 5.89 -9.35 -1.59
N ILE A 251 6.83 -8.62 -1.00
CA ILE A 251 6.93 -8.54 0.46
C ILE A 251 6.69 -7.10 0.91
N ILE A 252 7.48 -6.17 0.40
CA ILE A 252 7.41 -4.78 0.81
C ILE A 252 6.56 -4.00 -0.20
N ALA A 253 5.66 -3.17 0.31
CA ALA A 253 4.73 -2.43 -0.54
C ALA A 253 5.03 -0.95 -0.61
N LEU A 254 5.79 -0.40 0.35
CA LEU A 254 6.08 1.02 0.41
C LEU A 254 7.50 1.23 0.93
N MET A 255 8.15 2.27 0.43
CA MET A 255 9.50 2.62 0.86
C MET A 255 9.60 4.12 1.11
N VAL A 256 10.62 4.49 1.89
CA VAL A 256 10.93 5.89 2.14
C VAL A 256 11.75 6.45 0.99
N TYR A 257 11.61 7.74 0.73
CA TYR A 257 12.47 8.43 -0.22
C TYR A 257 13.86 8.61 0.41
N ARG A 258 14.85 7.88 -0.12
CA ARG A 258 16.22 7.99 0.35
C ARG A 258 17.07 8.85 -0.58
N CYS A 259 17.10 8.53 -1.87
CA CYS A 259 17.87 9.28 -2.87
C CYS A 259 16.95 9.64 -4.03
N ALA A 260 17.51 10.37 -4.99
CA ALA A 260 16.83 10.60 -6.25
C ALA A 260 16.91 9.37 -7.13
N PRO A 261 15.95 9.19 -8.03
CA PRO A 261 16.06 8.13 -9.03
C PRO A 261 17.36 8.29 -9.79
N PRO A 262 18.09 7.20 -10.03
CA PRO A 262 19.16 7.22 -11.00
C PRO A 262 18.57 7.22 -12.40
N PRO A 263 19.28 7.74 -13.40
CA PRO A 263 18.56 7.84 -14.66
C PRO A 263 19.01 6.82 -15.72
N VAL B 2 6.65 7.22 -18.56
CA VAL B 2 5.87 8.44 -18.41
C VAL B 2 4.89 8.57 -19.58
N GLN B 3 5.15 7.79 -20.64
CA GLN B 3 4.26 7.72 -21.78
C GLN B 3 3.91 6.26 -22.06
N LEU B 4 2.66 6.03 -22.47
CA LEU B 4 2.19 4.69 -22.83
C LEU B 4 1.40 4.82 -24.12
N VAL B 5 1.94 4.32 -25.23
CA VAL B 5 1.30 4.44 -26.53
C VAL B 5 0.76 3.07 -26.93
N GLU B 6 -0.48 3.02 -27.40
CA GLU B 6 -1.09 1.76 -27.80
C GLU B 6 -1.39 1.76 -29.29
N THR B 7 -1.63 0.56 -29.82
CA THR B 7 -2.22 0.39 -31.14
C THR B 7 -2.69 -1.05 -31.28
N GLY B 8 -3.55 -1.29 -32.26
CA GLY B 8 -4.01 -2.63 -32.57
C GLY B 8 -5.50 -2.86 -32.49
N GLY B 9 -6.32 -1.86 -32.13
CA GLY B 9 -7.74 -2.06 -32.05
C GLY B 9 -8.40 -2.17 -33.41
N GLY B 10 -9.71 -2.33 -33.39
CA GLY B 10 -10.48 -2.42 -34.62
C GLY B 10 -11.76 -3.21 -34.39
N SER B 11 -12.41 -3.53 -35.51
CA SER B 11 -13.65 -4.28 -35.52
C SER B 11 -13.42 -5.63 -36.19
N VAL B 12 -13.73 -6.71 -35.47
CA VAL B 12 -13.62 -8.06 -36.00
C VAL B 12 -14.92 -8.80 -35.71
N GLN B 13 -15.02 -10.00 -36.27
CA GLN B 13 -16.15 -10.86 -36.00
C GLN B 13 -15.83 -11.80 -34.85
N ALA B 14 -16.87 -12.39 -34.27
CA ALA B 14 -16.70 -13.33 -33.18
C ALA B 14 -15.87 -14.52 -33.64
N GLY B 15 -14.99 -14.99 -32.77
CA GLY B 15 -14.08 -16.06 -33.09
C GLY B 15 -12.75 -15.62 -33.68
N ASP B 16 -12.65 -14.38 -34.16
CA ASP B 16 -11.40 -13.88 -34.70
C ASP B 16 -10.47 -13.44 -33.57
N SER B 17 -9.33 -12.85 -33.94
CA SER B 17 -8.31 -12.47 -32.99
C SER B 17 -7.81 -11.06 -33.28
N LEU B 18 -7.16 -10.48 -32.28
CA LEU B 18 -6.49 -9.19 -32.41
C LEU B 18 -5.25 -9.22 -31.53
N THR B 19 -4.30 -8.33 -31.81
CA THR B 19 -3.11 -8.23 -30.97
C THR B 19 -2.82 -6.76 -30.69
N LEU B 20 -2.92 -6.38 -29.42
CA LEU B 20 -2.65 -5.02 -29.00
C LEU B 20 -1.19 -4.88 -28.63
N SER B 21 -0.64 -3.70 -28.91
CA SER B 21 0.73 -3.38 -28.58
C SER B 21 0.78 -2.07 -27.80
N CYS B 22 1.79 -1.97 -26.93
CA CYS B 22 1.93 -0.86 -25.99
C CYS B 22 3.42 -0.53 -25.89
N ALA B 23 3.84 0.51 -26.61
CA ALA B 23 5.18 1.06 -26.48
C ALA B 23 5.28 1.86 -25.19
N ALA B 24 6.26 1.50 -24.34
CA ALA B 24 6.44 2.11 -23.02
C ALA B 24 7.76 2.87 -22.95
N SER B 25 7.80 3.87 -22.07
CA SER B 25 9.05 4.58 -21.85
C SER B 25 10.05 3.64 -21.17
N GLU B 26 11.33 4.04 -21.19
CA GLU B 26 12.37 3.17 -20.65
C GLU B 26 12.28 3.04 -19.13
N ARG B 27 11.99 4.15 -18.44
CA ARG B 27 11.85 4.11 -16.99
C ARG B 27 10.71 3.19 -16.56
N ILE B 28 9.57 3.27 -17.26
CA ILE B 28 8.41 2.45 -16.91
C ILE B 28 8.74 0.98 -17.07
N PHE B 29 9.58 0.66 -18.05
CA PHE B 29 9.71 -0.73 -18.46
C PHE B 29 10.54 -1.54 -17.48
N SER B 30 11.52 -0.91 -16.84
CA SER B 30 12.41 -1.63 -15.96
C SER B 30 11.96 -1.61 -14.50
N HIS B 31 11.05 -0.73 -14.13
CA HIS B 31 10.68 -0.59 -12.73
C HIS B 31 9.20 -0.81 -12.43
N TYR B 32 8.39 -1.09 -13.44
CA TYR B 32 6.94 -1.16 -13.28
C TYR B 32 6.41 -2.52 -13.69
N ALA B 33 5.34 -2.94 -13.03
CA ALA B 33 4.49 -3.98 -13.57
C ALA B 33 3.56 -3.36 -14.58
N MET B 34 3.10 -4.16 -15.54
CA MET B 34 2.24 -3.62 -16.59
C MET B 34 1.05 -4.54 -16.78
N GLY B 35 0.10 -4.10 -17.59
CA GLY B 35 -1.10 -4.90 -17.78
C GLY B 35 -2.05 -4.24 -18.76
N TRP B 36 -3.18 -4.91 -18.94
CA TRP B 36 -4.24 -4.45 -19.84
C TRP B 36 -5.56 -4.46 -19.08
N TYR B 37 -6.27 -3.33 -19.17
CA TYR B 37 -7.62 -3.14 -18.64
C TYR B 37 -8.59 -2.94 -19.80
N ARG B 38 -9.88 -2.99 -19.49
CA ARG B 38 -10.90 -2.68 -20.49
C ARG B 38 -12.09 -2.03 -19.82
N GLN B 39 -12.82 -1.23 -20.61
CA GLN B 39 -13.95 -0.46 -20.08
C GLN B 39 -14.97 -0.21 -21.19
N VAL B 40 -16.22 -0.52 -20.88
CA VAL B 40 -17.39 -0.21 -21.71
C VAL B 40 -17.99 1.07 -21.15
N PRO B 41 -18.50 1.98 -22.00
CA PRO B 41 -19.10 3.22 -21.48
C PRO B 41 -20.24 2.94 -20.50
N GLY B 42 -20.09 3.47 -19.29
CA GLY B 42 -21.09 3.31 -18.24
C GLY B 42 -20.73 2.30 -17.17
N LYS B 43 -19.62 1.57 -17.33
CA LYS B 43 -19.23 0.57 -16.37
C LYS B 43 -17.79 0.80 -15.92
N GLU B 44 -17.35 -0.01 -14.95
CA GLU B 44 -16.08 0.23 -14.29
C GLU B 44 -14.93 -0.41 -15.06
N ARG B 45 -13.76 0.21 -14.96
CA ARG B 45 -12.58 -0.39 -15.54
C ARG B 45 -12.25 -1.72 -14.87
N GLU B 46 -12.09 -2.76 -15.70
CA GLU B 46 -11.72 -4.04 -15.12
C GLU B 46 -10.37 -4.48 -15.66
N PRO B 47 -9.50 -4.99 -14.80
CA PRO B 47 -8.22 -5.53 -15.28
C PRO B 47 -8.44 -6.80 -16.09
N VAL B 48 -7.69 -6.92 -17.18
CA VAL B 48 -7.74 -8.09 -18.05
C VAL B 48 -6.50 -8.97 -17.88
N ALA B 49 -5.31 -8.39 -18.08
CA ALA B 49 -4.09 -9.17 -17.97
C ALA B 49 -3.04 -8.35 -17.24
N ALA B 50 -2.02 -9.04 -16.73
CA ALA B 50 -0.99 -8.36 -15.94
C ALA B 50 0.32 -9.14 -15.98
N LEU B 51 1.39 -8.40 -16.22
CA LEU B 51 2.76 -8.90 -16.20
C LEU B 51 3.49 -8.28 -15.02
N ARG B 52 3.94 -9.14 -14.10
CA ARG B 52 4.57 -8.76 -12.84
C ARG B 52 5.91 -9.47 -12.67
N LEU B 53 6.60 -9.12 -11.59
CA LEU B 53 7.89 -9.69 -11.22
C LEU B 53 8.89 -9.68 -12.39
N THR B 56 9.14 -14.28 -13.99
CA THR B 56 8.07 -13.33 -14.27
C THR B 56 6.71 -13.99 -14.05
N GLU B 57 5.68 -13.17 -13.85
CA GLU B 57 4.38 -13.66 -13.40
C GLU B 57 3.27 -13.08 -14.27
N THR B 58 2.31 -13.92 -14.64
CA THR B 58 1.16 -13.49 -15.42
C THR B 58 -0.11 -13.65 -14.59
N ASN B 59 -1.05 -12.74 -14.79
CA ASN B 59 -2.34 -12.79 -14.10
C ASN B 59 -3.43 -12.44 -15.10
N TYR B 60 -4.36 -13.36 -15.30
CA TYR B 60 -5.45 -13.18 -16.25
C TYR B 60 -6.78 -13.19 -15.52
N ALA B 61 -7.71 -12.36 -15.99
CA ALA B 61 -9.07 -12.43 -15.51
C ALA B 61 -9.71 -13.74 -15.94
N ASP B 62 -10.66 -14.23 -15.12
CA ASP B 62 -11.30 -15.52 -15.41
C ASP B 62 -12.00 -15.50 -16.76
N SER B 63 -12.52 -14.34 -17.17
CA SER B 63 -13.27 -14.25 -18.42
C SER B 63 -12.39 -14.49 -19.65
N VAL B 64 -11.08 -14.25 -19.54
CA VAL B 64 -10.20 -14.25 -20.69
C VAL B 64 -9.13 -15.33 -20.63
N GLU B 65 -9.05 -16.09 -19.54
CA GLU B 65 -8.01 -17.10 -19.42
C GLU B 65 -8.20 -18.19 -20.46
N GLY B 66 -7.12 -18.55 -21.14
CA GLY B 66 -7.15 -19.51 -22.22
C GLY B 66 -7.29 -18.90 -23.60
N ARG B 67 -7.85 -17.69 -23.68
CA ARG B 67 -8.03 -16.99 -24.93
C ARG B 67 -7.08 -15.80 -25.10
N PHE B 68 -6.73 -15.14 -24.01
CA PHE B 68 -5.81 -14.00 -24.03
C PHE B 68 -4.44 -14.42 -23.51
N THR B 69 -3.40 -13.84 -24.08
CA THR B 69 -2.03 -14.09 -23.66
C THR B 69 -1.28 -12.78 -23.67
N ILE B 70 -0.76 -12.38 -22.51
CA ILE B 70 0.01 -11.15 -22.39
C ILE B 70 1.49 -11.50 -22.45
N SER B 71 2.27 -10.65 -23.12
CA SER B 71 3.68 -10.92 -23.32
C SER B 71 4.43 -9.59 -23.37
N ARG B 72 5.74 -9.69 -23.51
CA ARG B 72 6.63 -8.55 -23.37
C ARG B 72 7.86 -8.76 -24.23
N ASP B 73 8.40 -7.67 -24.76
CA ASP B 73 9.66 -7.71 -25.49
C ASP B 73 10.64 -6.76 -24.81
N ASN B 74 11.60 -7.31 -24.06
CA ASN B 74 12.51 -6.45 -23.30
C ASN B 74 13.36 -5.59 -24.22
N ALA B 75 13.69 -6.11 -25.40
CA ALA B 75 14.63 -5.44 -26.30
C ALA B 75 14.00 -4.36 -27.16
N LYS B 76 12.68 -4.16 -27.06
CA LYS B 76 12.00 -3.18 -27.89
C LYS B 76 11.07 -2.25 -27.11
N ASN B 77 10.97 -2.42 -25.79
CA ASN B 77 10.15 -1.55 -24.94
C ASN B 77 8.69 -1.58 -25.38
N THR B 78 8.17 -2.79 -25.63
CA THR B 78 6.79 -2.97 -26.06
C THR B 78 6.19 -4.18 -25.37
N MET B 79 4.96 -4.02 -24.86
CA MET B 79 4.18 -5.09 -24.28
C MET B 79 3.02 -5.43 -25.21
N TYR B 80 2.64 -6.70 -25.24
CA TYR B 80 1.64 -7.19 -26.18
C TYR B 80 0.52 -7.93 -25.47
N LEU B 81 -0.67 -7.88 -26.05
CA LEU B 81 -1.81 -8.67 -25.61
C LEU B 81 -2.43 -9.34 -26.83
N ARG B 82 -2.24 -10.64 -26.96
CA ARG B 82 -2.88 -11.42 -28.01
C ARG B 82 -4.24 -11.89 -27.52
N MET B 83 -5.29 -11.56 -28.28
CA MET B 83 -6.68 -11.85 -27.94
C MET B 83 -7.22 -12.81 -28.98
N SER B 84 -7.30 -14.09 -28.62
CA SER B 84 -7.81 -15.13 -29.49
C SER B 84 -9.24 -15.48 -29.11
N SER B 85 -9.98 -15.97 -30.11
CA SER B 85 -11.35 -16.44 -29.91
C SER B 85 -12.21 -15.36 -29.26
N LEU B 86 -12.27 -14.21 -29.91
CA LEU B 86 -12.98 -13.07 -29.34
C LEU B 86 -14.48 -13.32 -29.33
N LYS B 87 -15.13 -12.83 -28.28
CA LYS B 87 -16.56 -12.94 -28.05
C LYS B 87 -17.19 -11.56 -28.02
N PRO B 88 -18.51 -11.46 -28.21
CA PRO B 88 -19.17 -10.14 -28.06
C PRO B 88 -18.99 -9.52 -26.69
N GLU B 89 -18.71 -10.32 -25.66
CA GLU B 89 -18.48 -9.77 -24.32
C GLU B 89 -17.17 -9.00 -24.24
N ASP B 90 -16.26 -9.19 -25.19
CA ASP B 90 -14.96 -8.53 -25.17
C ASP B 90 -14.98 -7.13 -25.78
N THR B 91 -16.11 -6.69 -26.33
CA THR B 91 -16.20 -5.36 -26.93
C THR B 91 -16.02 -4.30 -25.84
N ALA B 92 -14.98 -3.48 -25.97
CA ALA B 92 -14.69 -2.47 -24.96
C ALA B 92 -13.60 -1.55 -25.48
N VAL B 93 -13.27 -0.55 -24.67
CA VAL B 93 -12.08 0.28 -24.85
C VAL B 93 -10.99 -0.30 -23.98
N TYR B 94 -9.89 -0.72 -24.59
CA TYR B 94 -8.81 -1.38 -23.88
C TYR B 94 -7.69 -0.39 -23.58
N TYR B 95 -7.20 -0.43 -22.35
CA TYR B 95 -6.20 0.51 -21.87
C TYR B 95 -4.95 -0.25 -21.42
N CYS B 96 -3.80 0.17 -21.95
N CYS B 96 -3.81 0.15 -21.96
CA CYS B 96 -2.51 -0.27 -21.42
CA CYS B 96 -2.56 -0.30 -21.39
C CYS B 96 -2.22 0.43 -20.09
C CYS B 96 -2.33 0.39 -20.05
N ALA B 97 -1.64 -0.30 -19.15
CA ALA B 97 -1.44 0.23 -17.81
C ALA B 97 -0.09 -0.19 -17.27
N ALA B 98 0.42 0.59 -16.32
CA ALA B 98 1.64 0.30 -15.61
C ALA B 98 1.50 0.79 -14.17
N GLY B 99 1.77 -0.09 -13.22
CA GLY B 99 1.74 0.27 -11.82
C GLY B 99 2.69 -0.54 -10.99
N SER B 100 2.51 -0.53 -9.67
CA SER B 100 3.35 -1.31 -8.78
C SER B 100 3.07 -2.80 -8.94
N TYR B 101 3.84 -3.61 -8.22
CA TYR B 101 3.58 -5.05 -8.21
C TYR B 101 2.21 -5.34 -7.60
N ALA B 102 1.89 -4.71 -6.47
CA ALA B 102 0.63 -5.00 -5.80
C ALA B 102 -0.54 -4.36 -6.52
N ALA B 103 -0.39 -3.11 -6.96
CA ALA B 103 -1.49 -2.33 -7.51
C ALA B 103 -1.52 -2.32 -9.03
N ILE B 104 -1.10 -3.40 -9.67
CA ILE B 104 -1.33 -3.53 -11.11
C ILE B 104 -2.66 -4.24 -11.38
N LEU B 105 -3.06 -5.15 -10.50
CA LEU B 105 -4.35 -5.84 -10.61
C LEU B 105 -5.51 -4.96 -10.17
N TYR B 106 -5.23 -3.75 -9.68
CA TYR B 106 -6.23 -2.79 -9.22
C TYR B 106 -5.53 -1.44 -9.08
N ALA B 107 -6.21 -0.37 -9.47
CA ALA B 107 -5.69 0.98 -9.34
C ALA B 107 -4.27 1.13 -9.89
N PRO B 108 -4.08 1.07 -11.22
CA PRO B 108 -2.75 1.31 -11.78
C PRO B 108 -2.30 2.77 -11.64
N SER B 109 -1.08 3.05 -12.08
CA SER B 109 -0.46 4.37 -11.96
C SER B 109 -0.48 5.16 -13.27
N TYR B 110 -0.17 4.52 -14.40
CA TYR B 110 -0.10 5.21 -15.68
C TYR B 110 -1.00 4.51 -16.69
N TRP B 111 -1.52 5.29 -17.63
CA TRP B 111 -2.48 4.81 -18.61
C TRP B 111 -2.11 5.30 -20.00
N GLY B 112 -2.52 4.54 -21.00
CA GLY B 112 -2.50 4.98 -22.38
C GLY B 112 -3.80 5.65 -22.77
N GLN B 113 -3.91 5.96 -24.06
CA GLN B 113 -5.08 6.67 -24.56
C GLN B 113 -6.32 5.80 -24.53
N GLY B 114 -6.18 4.52 -24.91
CA GLY B 114 -7.31 3.63 -24.98
C GLY B 114 -7.74 3.32 -26.40
N THR B 115 -7.74 2.05 -26.77
CA THR B 115 -8.02 1.63 -28.14
C THR B 115 -9.33 0.83 -28.19
N GLN B 116 -10.15 1.13 -29.20
CA GLN B 116 -11.47 0.52 -29.31
C GLN B 116 -11.36 -0.88 -29.92
N VAL B 117 -12.02 -1.85 -29.27
CA VAL B 117 -12.10 -3.22 -29.76
C VAL B 117 -13.58 -3.57 -29.87
N THR B 118 -14.03 -3.89 -31.08
CA THR B 118 -15.42 -4.19 -31.37
C THR B 118 -15.54 -5.60 -31.91
N VAL B 119 -16.36 -6.42 -31.26
CA VAL B 119 -16.58 -7.81 -31.66
C VAL B 119 -18.07 -7.98 -31.92
N SER B 120 -18.43 -8.09 -33.19
CA SER B 120 -19.83 -8.23 -33.59
C SER B 120 -19.98 -9.23 -34.72
#